data_1L4N
#
_entry.id   1L4N
#
_cell.length_a   71.680
_cell.length_b   89.900
_cell.length_c   47.660
_cell.angle_alpha   90.00
_cell.angle_beta   90.00
_cell.angle_gamma   90.00
#
_symmetry.space_group_name_H-M   'P 21 21 2'
#
loop_
_entity.id
_entity.type
_entity.pdbx_description
1 polymer 'Nicotinate-nucleotide--dimethylbenzimidazole phosphoribosyltransferase'
2 non-polymer 'PHOSPHATE ION'
3 non-polymer 2-AMINOPHENOL
4 non-polymer 'NICOTINIC ACID'
5 water water
#
_entity_poly.entity_id   1
_entity_poly.type   'polypeptide(L)'
_entity_poly.pdbx_seq_one_letter_code
;MQTLHALLRDIPAPDAEAMARTQQHIDGLLKPPGSLGRLETLAVQLAGMPGLNGTPQVGEKAVLVMCADHGVWDEGVAVS
PKIVTAIQAANMTRGTTGVCVLAAQAGAKVHVIDVGIDAEPIPGVVNMRVARGCGNIAVGPAMSRLQAEALLLEVSRYTC
DLAQRGVTLFGVGELGMANTTPAAAMVSVFTGSDAKEVVGIGANLPPSRIDNKVDVVRRAIAINQPNPRDGIDVLSKVGG
FDLVGMTGVMLGAARCGLPVLLDGFLSYSAALAACQIAPAVRPYLIPSHFSAEKGARIALAHLSMEPYLHMAMRLGEGSG
AALAMPIVEAACAMFHNMGELAASNIVLPEGNANAT
;
_entity_poly.pdbx_strand_id   A
#
loop_
_chem_comp.id
_chem_comp.type
_chem_comp.name
_chem_comp.formula
2AF non-polymer 2-AMINOPHENOL 'C6 H7 N O'
NIO non-polymer 'NICOTINIC ACID' 'C6 H5 N O2'
PO4 non-polymer 'PHOSPHATE ION' 'O4 P -3'
#
# COMPACT_ATOMS: atom_id res chain seq x y z
N THR A 3 9.62 21.47 2.11
CA THR A 3 9.65 20.59 0.91
C THR A 3 8.50 19.59 1.01
N LEU A 4 8.24 19.10 2.21
CA LEU A 4 7.15 18.15 2.40
C LEU A 4 5.79 18.89 2.32
N HIS A 5 5.77 20.13 2.80
CA HIS A 5 4.55 20.93 2.77
C HIS A 5 4.21 21.20 1.31
N ALA A 6 5.24 21.48 0.51
CA ALA A 6 5.05 21.75 -0.91
C ALA A 6 4.42 20.55 -1.56
N LEU A 7 5.06 19.40 -1.32
CA LEU A 7 4.60 18.13 -1.85
C LEU A 7 3.12 17.89 -1.58
N LEU A 8 2.76 17.98 -0.31
CA LEU A 8 1.40 17.73 0.12
C LEU A 8 0.45 18.75 -0.48
N ARG A 9 0.94 19.97 -0.63
CA ARG A 9 0.15 21.06 -1.18
C ARG A 9 -0.19 20.84 -2.65
N ASP A 10 0.78 20.30 -3.39
CA ASP A 10 0.62 20.09 -4.81
C ASP A 10 -0.11 18.81 -5.29
N ILE A 11 -0.70 18.05 -4.37
CA ILE A 11 -1.43 16.84 -4.78
C ILE A 11 -2.69 17.32 -5.51
N PRO A 12 -2.82 16.95 -6.79
CA PRO A 12 -3.99 17.37 -7.57
C PRO A 12 -5.32 16.73 -7.19
N ALA A 13 -6.41 17.48 -7.32
CA ALA A 13 -7.73 16.90 -7.04
C ALA A 13 -8.11 16.09 -8.29
N PRO A 14 -9.05 15.14 -8.17
CA PRO A 14 -9.45 14.36 -9.36
C PRO A 14 -10.15 15.26 -10.38
N ASP A 15 -10.06 14.87 -11.65
CA ASP A 15 -10.65 15.63 -12.77
C ASP A 15 -12.12 15.23 -12.97
N ALA A 16 -13.04 16.03 -12.43
CA ALA A 16 -14.45 15.67 -12.54
C ALA A 16 -14.94 15.69 -13.96
N GLU A 17 -14.32 16.51 -14.81
CA GLU A 17 -14.76 16.62 -16.18
C GLU A 17 -14.46 15.32 -16.93
N ALA A 18 -13.26 14.78 -16.74
CA ALA A 18 -12.91 13.54 -17.41
C ALA A 18 -13.79 12.40 -16.89
N MET A 19 -14.10 12.43 -15.59
CA MET A 19 -14.92 11.39 -15.02
C MET A 19 -16.35 11.38 -15.58
N ALA A 20 -16.92 12.55 -15.81
CA ALA A 20 -18.27 12.62 -16.37
C ALA A 20 -18.25 12.07 -17.80
N ARG A 21 -17.22 12.44 -18.57
CA ARG A 21 -17.12 11.93 -19.94
C ARG A 21 -16.98 10.41 -19.92
N THR A 22 -16.23 9.92 -18.94
CA THR A 22 -16.05 8.48 -18.83
C THR A 22 -17.36 7.78 -18.51
N GLN A 23 -18.06 8.30 -17.52
CA GLN A 23 -19.32 7.68 -17.14
C GLN A 23 -20.28 7.61 -18.34
N GLN A 24 -20.41 8.70 -19.08
CA GLN A 24 -21.30 8.68 -20.25
C GLN A 24 -20.86 7.62 -21.29
N HIS A 25 -19.56 7.50 -21.53
CA HIS A 25 -19.07 6.53 -22.49
C HIS A 25 -19.38 5.10 -22.05
N ILE A 26 -19.16 4.84 -20.76
CA ILE A 26 -19.42 3.53 -20.18
C ILE A 26 -20.90 3.16 -20.27
N ASP A 27 -21.76 4.16 -20.06
CA ASP A 27 -23.19 3.91 -20.09
C ASP A 27 -23.64 3.51 -21.49
N GLY A 28 -22.91 3.98 -22.50
CA GLY A 28 -23.26 3.66 -23.89
C GLY A 28 -22.71 2.36 -24.43
N LEU A 29 -21.95 1.61 -23.62
CA LEU A 29 -21.36 0.36 -24.10
C LEU A 29 -22.37 -0.78 -24.27
N LEU A 30 -21.99 -1.79 -25.05
CA LEU A 30 -22.86 -2.93 -25.35
C LEU A 30 -23.21 -3.80 -24.13
N LYS A 31 -24.10 -3.30 -23.29
CA LYS A 31 -24.47 -4.02 -22.09
C LYS A 31 -25.52 -3.23 -21.31
N PRO A 32 -26.26 -3.90 -20.42
CA PRO A 32 -27.27 -3.16 -19.64
C PRO A 32 -26.48 -2.14 -18.81
N PRO A 33 -26.98 -0.91 -18.72
CA PRO A 33 -26.28 0.12 -17.94
C PRO A 33 -26.00 -0.37 -16.53
N GLY A 34 -24.76 -0.16 -16.08
CA GLY A 34 -24.35 -0.57 -14.75
C GLY A 34 -24.08 -2.06 -14.53
N SER A 35 -24.30 -2.89 -15.55
CA SER A 35 -24.09 -4.32 -15.37
C SER A 35 -22.69 -4.79 -15.07
N LEU A 36 -21.66 -4.01 -15.40
CA LEU A 36 -20.30 -4.47 -15.08
C LEU A 36 -19.84 -3.93 -13.71
N GLY A 37 -20.81 -3.44 -12.95
CA GLY A 37 -20.58 -2.95 -11.60
C GLY A 37 -19.30 -2.26 -11.20
N ARG A 38 -18.54 -2.88 -10.30
CA ARG A 38 -17.31 -2.27 -9.79
C ARG A 38 -16.21 -2.05 -10.84
N LEU A 39 -16.31 -2.75 -11.96
CA LEU A 39 -15.35 -2.56 -13.03
C LEU A 39 -15.65 -1.18 -13.65
N GLU A 40 -16.93 -0.79 -13.67
CA GLU A 40 -17.31 0.50 -14.24
C GLU A 40 -16.83 1.62 -13.33
N THR A 41 -17.06 1.44 -12.03
CA THR A 41 -16.66 2.40 -11.03
C THR A 41 -15.15 2.59 -11.03
N LEU A 42 -14.42 1.49 -11.15
CA LEU A 42 -12.97 1.56 -11.21
C LEU A 42 -12.55 2.34 -12.46
N ALA A 43 -13.19 2.09 -13.59
CA ALA A 43 -12.80 2.81 -14.80
C ALA A 43 -12.97 4.31 -14.63
N VAL A 44 -14.05 4.73 -13.98
CA VAL A 44 -14.31 6.15 -13.79
C VAL A 44 -13.28 6.75 -12.85
N GLN A 45 -12.97 6.01 -11.80
CA GLN A 45 -12.00 6.47 -10.83
C GLN A 45 -10.67 6.75 -11.54
N LEU A 46 -10.24 5.80 -12.36
CA LEU A 46 -8.98 5.96 -13.10
C LEU A 46 -9.03 7.18 -14.04
N ALA A 47 -10.18 7.42 -14.65
CA ALA A 47 -10.31 8.53 -15.56
C ALA A 47 -10.11 9.87 -14.84
N GLY A 48 -10.38 9.91 -13.55
CA GLY A 48 -10.23 11.17 -12.85
C GLY A 48 -8.81 11.50 -12.40
N MET A 49 -7.90 10.54 -12.57
CA MET A 49 -6.50 10.72 -12.15
C MET A 49 -5.72 11.47 -13.22
N PRO A 50 -5.34 12.72 -12.94
CA PRO A 50 -4.59 13.61 -13.84
C PRO A 50 -3.36 13.02 -14.56
N GLY A 51 -2.64 12.11 -13.91
CA GLY A 51 -1.48 11.53 -14.56
C GLY A 51 -1.80 10.53 -15.67
N LEU A 52 -3.07 10.17 -15.82
CA LEU A 52 -3.50 9.20 -16.83
C LEU A 52 -4.10 9.78 -18.10
N ASN A 53 -4.09 11.08 -18.30
CA ASN A 53 -4.64 11.56 -19.57
C ASN A 53 -6.19 11.40 -19.90
N GLY A 54 -7.00 11.62 -18.86
CA GLY A 54 -8.46 11.63 -18.99
C GLY A 54 -9.20 10.37 -19.36
N THR A 55 -8.54 9.25 -19.23
CA THR A 55 -9.14 8.00 -19.61
C THR A 55 -8.51 6.87 -18.79
N PRO A 56 -9.22 5.74 -18.62
CA PRO A 56 -8.62 4.63 -17.85
C PRO A 56 -7.56 3.98 -18.71
N GLN A 57 -6.29 4.28 -18.48
CA GLN A 57 -5.22 3.69 -19.27
C GLN A 57 -4.16 3.13 -18.35
N VAL A 58 -3.50 2.06 -18.80
CA VAL A 58 -2.43 1.48 -18.01
C VAL A 58 -1.25 1.32 -18.94
N GLY A 59 -0.10 1.87 -18.55
CA GLY A 59 1.10 1.75 -19.36
C GLY A 59 1.99 0.75 -18.65
N GLU A 60 3.18 1.16 -18.21
CA GLU A 60 4.07 0.25 -17.48
C GLU A 60 3.58 0.10 -16.06
N LYS A 61 3.92 -1.02 -15.43
CA LYS A 61 3.51 -1.32 -14.06
C LYS A 61 4.71 -1.60 -13.15
N ALA A 62 4.66 -1.13 -11.92
CA ALA A 62 5.75 -1.38 -10.97
C ALA A 62 5.25 -1.67 -9.56
N VAL A 63 5.92 -2.62 -8.90
CA VAL A 63 5.60 -2.95 -7.52
C VAL A 63 6.84 -2.54 -6.73
N LEU A 64 6.65 -1.64 -5.78
CA LEU A 64 7.75 -1.15 -4.94
C LEU A 64 7.69 -1.89 -3.61
N VAL A 65 8.74 -2.61 -3.27
CA VAL A 65 8.78 -3.37 -2.03
C VAL A 65 9.77 -2.73 -1.05
N MET A 66 9.23 -2.26 0.08
CA MET A 66 10.02 -1.58 1.11
C MET A 66 10.49 -2.59 2.16
N CYS A 67 11.80 -2.72 2.32
CA CYS A 67 12.36 -3.70 3.26
C CYS A 67 13.07 -3.07 4.44
N ALA A 68 12.77 -3.57 5.63
CA ALA A 68 13.40 -3.04 6.85
C ALA A 68 13.20 -3.99 7.99
N ASP A 69 14.09 -3.91 8.96
CA ASP A 69 14.01 -4.74 10.14
C ASP A 69 13.47 -3.87 11.28
N HIS A 70 12.98 -4.56 12.32
CA HIS A 70 12.34 -3.88 13.44
C HIS A 70 12.93 -4.31 14.81
N GLY A 71 13.17 -3.34 15.69
CA GLY A 71 13.71 -3.66 17.01
C GLY A 71 12.75 -4.48 17.86
N VAL A 72 11.45 -4.33 17.65
CA VAL A 72 10.43 -5.06 18.43
C VAL A 72 10.48 -6.59 18.24
N TRP A 73 11.24 -7.02 17.23
CA TRP A 73 11.43 -8.46 16.99
C TRP A 73 11.99 -9.08 18.29
N ASP A 74 12.79 -8.32 19.01
CA ASP A 74 13.38 -8.84 20.25
C ASP A 74 12.38 -9.14 21.33
N GLU A 75 11.14 -8.65 21.18
CA GLU A 75 10.10 -8.87 22.18
C GLU A 75 9.40 -10.23 21.96
N GLY A 76 9.91 -11.04 21.04
CA GLY A 76 9.32 -12.34 20.77
C GLY A 76 7.95 -12.34 20.10
N VAL A 77 7.66 -11.29 19.31
CA VAL A 77 6.39 -11.16 18.61
C VAL A 77 6.35 -11.85 17.23
N ALA A 78 7.49 -12.37 16.78
CA ALA A 78 7.58 -13.04 15.46
C ALA A 78 8.42 -14.32 15.49
N VAL A 79 7.91 -15.40 14.89
CA VAL A 79 8.66 -16.67 14.87
C VAL A 79 9.63 -16.80 13.68
N SER A 80 9.55 -15.92 12.70
CA SER A 80 10.52 -16.01 11.59
C SER A 80 11.88 -15.44 12.07
N PRO A 81 12.99 -16.10 11.71
CA PRO A 81 14.33 -15.66 12.11
C PRO A 81 14.53 -14.24 11.55
N LYS A 82 15.20 -13.37 12.29
CA LYS A 82 15.35 -12.01 11.83
C LYS A 82 16.05 -11.89 10.49
N ILE A 83 17.02 -12.77 10.24
CA ILE A 83 17.77 -12.73 9.01
C ILE A 83 16.94 -13.00 7.75
N VAL A 84 15.72 -13.53 7.90
CA VAL A 84 14.89 -13.78 6.73
C VAL A 84 14.66 -12.48 5.94
N THR A 85 14.66 -11.32 6.60
CA THR A 85 14.43 -10.08 5.85
C THR A 85 15.53 -9.90 4.79
N ALA A 86 16.78 -10.08 5.22
CA ALA A 86 17.93 -9.92 4.35
C ALA A 86 17.97 -10.98 3.25
N ILE A 87 17.63 -12.20 3.62
CA ILE A 87 17.63 -13.31 2.66
C ILE A 87 16.57 -13.15 1.57
N GLN A 88 15.35 -12.83 2.00
CA GLN A 88 14.25 -12.67 1.08
C GLN A 88 14.46 -11.45 0.19
N ALA A 89 15.09 -10.41 0.71
CA ALA A 89 15.34 -9.21 -0.08
C ALA A 89 16.27 -9.60 -1.23
N ALA A 90 17.26 -10.44 -0.94
CA ALA A 90 18.18 -10.89 -1.99
C ALA A 90 17.43 -11.75 -3.02
N ASN A 91 16.52 -12.60 -2.53
CA ASN A 91 15.73 -13.43 -3.46
C ASN A 91 14.87 -12.58 -4.36
N MET A 92 14.47 -11.42 -3.85
CA MET A 92 13.65 -10.50 -4.63
C MET A 92 14.39 -10.08 -5.90
N THR A 93 15.73 -10.10 -5.87
CA THR A 93 16.49 -9.72 -7.05
C THR A 93 16.69 -10.92 -8.01
N ARG A 94 16.26 -12.11 -7.59
CA ARG A 94 16.41 -13.31 -8.41
C ARG A 94 15.14 -13.80 -9.07
N GLY A 95 14.02 -13.16 -8.75
CA GLY A 95 12.75 -13.52 -9.35
C GLY A 95 12.08 -14.77 -8.81
N THR A 96 12.54 -15.26 -7.66
CA THR A 96 11.98 -16.48 -7.09
C THR A 96 10.93 -16.30 -6.01
N THR A 97 10.68 -15.06 -5.59
CA THR A 97 9.69 -14.84 -4.53
C THR A 97 8.25 -14.77 -5.06
N GLY A 98 7.31 -14.80 -4.11
CA GLY A 98 5.90 -14.74 -4.44
C GLY A 98 5.57 -13.47 -5.19
N VAL A 99 6.05 -12.29 -4.78
CA VAL A 99 5.71 -11.09 -5.56
C VAL A 99 6.31 -11.15 -6.95
N CYS A 100 7.55 -11.63 -7.04
CA CYS A 100 8.22 -11.70 -8.34
C CYS A 100 7.43 -12.51 -9.34
N VAL A 101 7.02 -13.71 -8.91
CA VAL A 101 6.25 -14.60 -9.76
C VAL A 101 4.90 -14.00 -10.15
N LEU A 102 4.22 -13.37 -9.20
CA LEU A 102 2.93 -12.81 -9.54
C LEU A 102 3.07 -11.53 -10.37
N ALA A 103 4.12 -10.75 -10.12
CA ALA A 103 4.33 -9.53 -10.88
C ALA A 103 4.69 -9.89 -12.33
N ALA A 104 5.51 -10.92 -12.50
CA ALA A 104 5.90 -11.39 -13.83
C ALA A 104 4.64 -11.77 -14.62
N GLN A 105 3.72 -12.43 -13.95
CA GLN A 105 2.49 -12.86 -14.60
C GLN A 105 1.69 -11.61 -15.05
N ALA A 106 1.78 -10.53 -14.28
CA ALA A 106 1.06 -9.29 -14.59
C ALA A 106 1.83 -8.35 -15.52
N GLY A 107 3.07 -8.70 -15.82
CA GLY A 107 3.88 -7.85 -16.68
C GLY A 107 4.40 -6.61 -15.96
N ALA A 108 4.53 -6.70 -14.63
CA ALA A 108 5.02 -5.59 -13.82
C ALA A 108 6.47 -5.81 -13.38
N LYS A 109 7.21 -4.73 -13.11
CA LYS A 109 8.58 -4.91 -12.63
C LYS A 109 8.58 -4.66 -11.12
N VAL A 110 9.41 -5.41 -10.42
CA VAL A 110 9.52 -5.27 -8.97
C VAL A 110 10.76 -4.46 -8.62
N HIS A 111 10.56 -3.43 -7.81
CA HIS A 111 11.67 -2.61 -7.36
C HIS A 111 11.84 -2.92 -5.89
N VAL A 112 13.00 -3.43 -5.52
CA VAL A 112 13.27 -3.76 -4.12
C VAL A 112 14.05 -2.62 -3.49
N ILE A 113 13.47 -2.04 -2.45
CA ILE A 113 14.10 -0.91 -1.78
C ILE A 113 14.42 -1.19 -0.31
N ASP A 114 15.69 -1.02 0.04
CA ASP A 114 16.16 -1.23 1.38
C ASP A 114 16.07 0.11 2.13
N VAL A 115 15.11 0.21 3.05
CA VAL A 115 14.98 1.43 3.85
C VAL A 115 15.48 1.23 5.29
N GLY A 116 15.99 0.03 5.57
CA GLY A 116 16.49 -0.22 6.91
C GLY A 116 16.70 -1.66 7.34
N ILE A 117 17.25 -2.51 6.49
CA ILE A 117 17.48 -3.91 6.82
C ILE A 117 18.71 -3.98 7.77
N ASP A 118 18.65 -4.82 8.79
CA ASP A 118 19.74 -4.95 9.74
C ASP A 118 20.72 -6.00 9.22
N ALA A 119 21.46 -5.65 8.18
CA ALA A 119 22.40 -6.56 7.56
C ALA A 119 23.29 -5.75 6.62
N GLU A 120 24.33 -6.37 6.07
CA GLU A 120 25.13 -5.62 5.11
C GLU A 120 24.29 -5.33 3.88
N PRO A 121 24.65 -4.27 3.13
CA PRO A 121 23.95 -3.86 1.90
C PRO A 121 23.85 -5.04 0.91
N ILE A 122 22.74 -5.15 0.21
CA ILE A 122 22.54 -6.23 -0.73
C ILE A 122 22.68 -5.67 -2.15
N PRO A 123 23.62 -6.21 -2.94
CA PRO A 123 23.78 -5.71 -4.31
C PRO A 123 22.49 -5.90 -5.09
N GLY A 124 22.13 -4.93 -5.92
CA GLY A 124 20.92 -5.07 -6.70
C GLY A 124 19.70 -4.50 -6.04
N VAL A 125 19.79 -4.17 -4.76
CA VAL A 125 18.66 -3.58 -4.04
C VAL A 125 18.88 -2.06 -3.90
N VAL A 126 17.81 -1.29 -4.12
CA VAL A 126 17.91 0.17 -4.04
C VAL A 126 18.26 0.56 -2.63
N ASN A 127 19.33 1.33 -2.49
CA ASN A 127 19.76 1.75 -1.16
C ASN A 127 19.18 3.09 -0.69
N MET A 128 18.27 3.03 0.30
CA MET A 128 17.74 4.23 0.95
C MET A 128 17.73 3.93 2.44
N ARG A 129 18.71 3.16 2.90
CA ARG A 129 18.78 2.73 4.30
C ARG A 129 18.87 3.83 5.35
N VAL A 130 17.87 3.91 6.22
CA VAL A 130 17.90 4.92 7.27
C VAL A 130 18.86 4.49 8.38
N ALA A 131 18.75 3.23 8.81
CA ALA A 131 19.60 2.64 9.85
C ALA A 131 19.46 1.13 9.77
N ARG A 132 20.23 0.40 10.56
CA ARG A 132 20.16 -1.04 10.58
C ARG A 132 19.01 -1.46 11.51
N GLY A 133 17.78 -1.39 10.98
CA GLY A 133 16.58 -1.71 11.75
C GLY A 133 16.13 -0.48 12.53
N CYS A 134 14.84 -0.34 12.82
CA CYS A 134 14.37 0.82 13.60
C CYS A 134 14.37 0.46 15.09
N GLY A 135 14.14 1.47 15.93
CA GLY A 135 14.12 1.26 17.37
C GLY A 135 12.97 0.34 17.76
N ASN A 136 13.14 -0.34 18.90
CA ASN A 136 12.17 -1.26 19.47
C ASN A 136 11.00 -0.42 20.02
N ILE A 137 9.86 -0.42 19.33
CA ILE A 137 8.74 0.42 19.78
C ILE A 137 8.18 0.13 21.16
N ALA A 138 8.48 -1.04 21.74
CA ALA A 138 7.96 -1.34 23.07
C ALA A 138 8.59 -0.47 24.17
N VAL A 139 9.77 0.10 23.90
CA VAL A 139 10.43 0.89 24.92
C VAL A 139 10.72 2.34 24.52
N GLY A 140 10.34 2.70 23.30
CA GLY A 140 10.57 4.05 22.84
C GLY A 140 10.13 4.12 21.40
N PRO A 141 10.42 5.23 20.71
CA PRO A 141 10.02 5.38 19.31
C PRO A 141 10.87 4.58 18.33
N ALA A 142 10.25 4.29 17.19
CA ALA A 142 10.90 3.58 16.09
C ALA A 142 11.97 4.48 15.47
N MET A 143 11.75 5.79 15.44
CA MET A 143 12.69 6.70 14.82
C MET A 143 12.32 8.13 15.17
N SER A 144 13.17 9.08 14.74
CA SER A 144 12.90 10.50 14.99
C SER A 144 11.92 11.04 13.93
N ARG A 145 11.23 12.12 14.25
CA ARG A 145 10.30 12.71 13.31
C ARG A 145 11.04 13.12 12.04
N LEU A 146 12.27 13.62 12.23
CA LEU A 146 13.11 14.05 11.13
C LEU A 146 13.40 12.91 10.16
N GLN A 147 13.72 11.73 10.68
CA GLN A 147 14.00 10.56 9.87
C GLN A 147 12.74 10.12 9.10
N ALA A 148 11.60 10.20 9.75
CA ALA A 148 10.38 9.84 9.08
C ALA A 148 10.11 10.80 7.92
N GLU A 149 10.19 12.11 8.18
CA GLU A 149 9.92 13.09 7.14
C GLU A 149 10.89 12.98 5.96
N ALA A 150 12.17 12.72 6.26
CA ALA A 150 13.18 12.61 5.22
C ALA A 150 12.90 11.41 4.31
N LEU A 151 12.58 10.27 4.90
CA LEU A 151 12.28 9.08 4.13
C LEU A 151 11.01 9.28 3.27
N LEU A 152 9.98 9.91 3.84
CA LEU A 152 8.77 10.21 3.08
C LEU A 152 9.12 10.96 1.80
N LEU A 153 9.94 12.01 1.93
CA LEU A 153 10.35 12.83 0.79
C LEU A 153 11.13 12.04 -0.22
N GLU A 154 12.11 11.32 0.29
CA GLU A 154 13.00 10.47 -0.51
C GLU A 154 12.19 9.46 -1.35
N VAL A 155 11.35 8.68 -0.70
CA VAL A 155 10.57 7.66 -1.40
C VAL A 155 9.58 8.30 -2.37
N SER A 156 8.99 9.42 -1.94
CA SER A 156 8.03 10.14 -2.76
C SER A 156 8.59 10.58 -4.07
N ARG A 157 9.81 11.13 -4.04
CA ARG A 157 10.45 11.60 -5.26
C ARG A 157 10.77 10.41 -6.16
N TYR A 158 11.32 9.35 -5.57
CA TYR A 158 11.67 8.16 -6.34
C TYR A 158 10.44 7.63 -7.10
N THR A 159 9.32 7.58 -6.40
CA THR A 159 8.07 7.09 -6.99
C THR A 159 7.58 7.90 -8.20
N CYS A 160 7.49 9.21 -8.03
CA CYS A 160 6.99 10.08 -9.09
C CYS A 160 8.05 10.14 -10.21
N ASP A 161 9.33 9.95 -9.89
CA ASP A 161 10.32 9.93 -10.96
C ASP A 161 10.11 8.72 -11.90
N LEU A 162 9.62 7.58 -11.37
CA LEU A 162 9.35 6.41 -12.22
C LEU A 162 8.25 6.76 -13.21
N ALA A 163 7.33 7.63 -12.81
CA ALA A 163 6.27 8.03 -13.70
C ALA A 163 6.88 8.61 -14.97
N GLN A 164 8.06 9.21 -14.87
CA GLN A 164 8.68 9.74 -16.08
C GLN A 164 9.23 8.68 -16.98
N ARG A 165 9.28 7.46 -16.52
CA ARG A 165 9.82 6.34 -17.30
C ARG A 165 8.66 5.51 -17.86
N GLY A 166 7.47 6.07 -17.89
CA GLY A 166 6.36 5.33 -18.43
C GLY A 166 5.48 4.59 -17.43
N VAL A 167 5.88 4.54 -16.16
CA VAL A 167 5.04 3.83 -15.19
C VAL A 167 3.74 4.60 -14.92
N THR A 168 2.60 3.92 -15.05
CA THR A 168 1.31 4.57 -14.79
C THR A 168 0.52 3.91 -13.66
N LEU A 169 0.97 2.73 -13.22
CA LEU A 169 0.28 2.01 -12.16
C LEU A 169 1.27 1.47 -11.13
N PHE A 170 1.06 1.83 -9.88
CA PHE A 170 1.96 1.35 -8.86
C PHE A 170 1.28 0.34 -7.98
N GLY A 171 2.12 -0.45 -7.32
CA GLY A 171 1.67 -1.45 -6.39
C GLY A 171 2.65 -1.27 -5.23
N VAL A 172 2.18 -1.39 -3.99
CA VAL A 172 3.06 -1.21 -2.87
C VAL A 172 3.20 -2.52 -2.06
N GLY A 173 4.38 -2.76 -1.52
CA GLY A 173 4.59 -3.97 -0.74
C GLY A 173 5.69 -3.77 0.29
N GLU A 174 5.86 -4.76 1.16
CA GLU A 174 6.87 -4.71 2.22
C GLU A 174 7.48 -6.07 2.50
N LEU A 175 8.52 -6.03 3.31
CA LEU A 175 9.25 -7.21 3.74
C LEU A 175 9.97 -6.78 5.02
N GLY A 176 9.64 -7.43 6.13
CA GLY A 176 10.28 -7.09 7.39
C GLY A 176 9.69 -7.93 8.51
N MET A 177 10.53 -8.80 9.08
CA MET A 177 10.09 -9.69 10.14
C MET A 177 9.56 -8.87 11.32
N ALA A 178 8.42 -9.32 11.87
CA ALA A 178 7.75 -8.68 13.01
C ALA A 178 6.99 -7.42 12.63
N ASN A 179 6.90 -7.08 11.35
CA ASN A 179 6.20 -5.83 11.04
C ASN A 179 4.69 -5.80 11.22
N THR A 180 4.04 -6.92 11.51
CA THR A 180 2.60 -6.85 11.75
C THR A 180 2.36 -6.32 13.18
N THR A 181 3.44 -6.20 13.97
CA THR A 181 3.28 -5.63 15.32
C THR A 181 3.10 -4.10 15.20
N PRO A 182 4.07 -3.37 14.58
CA PRO A 182 3.83 -1.91 14.48
C PRO A 182 2.58 -1.63 13.62
N ALA A 183 2.31 -2.47 12.61
CA ALA A 183 1.11 -2.29 11.78
C ALA A 183 -0.10 -2.29 12.70
N ALA A 184 -0.18 -3.27 13.59
CA ALA A 184 -1.32 -3.34 14.51
C ALA A 184 -1.39 -2.13 15.45
N ALA A 185 -0.24 -1.68 15.95
CA ALA A 185 -0.23 -0.52 16.85
C ALA A 185 -0.83 0.69 16.14
N MET A 186 -0.37 0.93 14.90
CA MET A 186 -0.87 2.05 14.10
C MET A 186 -2.38 1.95 13.86
N VAL A 187 -2.85 0.78 13.46
CA VAL A 187 -4.29 0.60 13.23
C VAL A 187 -5.08 0.90 14.51
N SER A 188 -4.59 0.37 15.63
CA SER A 188 -5.27 0.60 16.90
C SER A 188 -5.36 2.12 17.13
N VAL A 189 -4.23 2.81 16.99
CA VAL A 189 -4.20 4.27 17.19
C VAL A 189 -5.11 5.05 16.24
N PHE A 190 -5.02 4.81 14.94
CA PHE A 190 -5.86 5.53 14.00
C PHE A 190 -7.36 5.23 14.06
N THR A 191 -7.71 4.02 14.46
CA THR A 191 -9.12 3.64 14.48
C THR A 191 -9.76 3.71 15.85
N GLY A 192 -8.94 3.85 16.88
CA GLY A 192 -9.49 3.86 18.23
C GLY A 192 -9.90 2.46 18.64
N SER A 193 -9.40 1.41 17.98
CA SER A 193 -9.76 0.03 18.37
C SER A 193 -8.79 -0.53 19.39
N ASP A 194 -9.25 -1.43 20.24
CA ASP A 194 -8.37 -2.02 21.22
C ASP A 194 -7.40 -2.98 20.53
N ALA A 195 -6.17 -3.04 21.04
CA ALA A 195 -5.16 -3.91 20.48
C ALA A 195 -5.63 -5.34 20.26
N LYS A 196 -6.38 -5.88 21.20
CA LYS A 196 -6.83 -7.26 21.05
C LYS A 196 -7.68 -7.43 19.79
N GLU A 197 -8.41 -6.39 19.40
CA GLU A 197 -9.24 -6.49 18.21
C GLU A 197 -8.48 -6.42 16.88
N VAL A 198 -7.27 -5.88 16.89
CA VAL A 198 -6.53 -5.74 15.64
C VAL A 198 -5.19 -6.45 15.57
N VAL A 199 -4.85 -7.22 16.59
CA VAL A 199 -3.58 -7.96 16.58
C VAL A 199 -3.80 -9.36 16.02
N GLY A 200 -3.08 -9.71 14.94
CA GLY A 200 -3.23 -11.02 14.32
C GLY A 200 -2.05 -11.97 14.50
N ILE A 201 -2.09 -13.14 13.83
CA ILE A 201 -1.01 -14.10 13.95
C ILE A 201 0.20 -13.82 13.04
N GLY A 202 0.13 -12.78 12.22
CA GLY A 202 1.26 -12.48 11.34
C GLY A 202 1.74 -13.70 10.55
N ALA A 203 3.05 -13.98 10.56
CA ALA A 203 3.56 -15.13 9.82
C ALA A 203 3.53 -16.37 10.72
N ASN A 204 2.35 -16.92 10.87
CA ASN A 204 2.14 -18.12 11.68
C ASN A 204 2.59 -18.03 13.13
N LEU A 205 2.28 -16.95 13.83
CA LEU A 205 2.63 -16.88 15.24
C LEU A 205 1.74 -17.90 16.00
N PRO A 206 2.35 -18.77 16.85
CA PRO A 206 1.52 -19.74 17.59
C PRO A 206 0.47 -19.03 18.43
N PRO A 207 -0.71 -19.63 18.51
CA PRO A 207 -1.82 -19.04 19.25
C PRO A 207 -1.46 -18.74 20.71
N SER A 208 -0.56 -19.53 21.28
CA SER A 208 -0.18 -19.33 22.67
C SER A 208 0.63 -18.06 22.90
N ARG A 209 1.26 -17.53 21.86
CA ARG A 209 2.06 -16.31 22.03
C ARG A 209 1.35 -15.02 21.62
N ILE A 210 0.07 -15.11 21.31
CA ILE A 210 -0.68 -13.92 20.91
C ILE A 210 -0.74 -12.88 22.03
N ASP A 211 -1.07 -13.35 23.24
CA ASP A 211 -1.19 -12.48 24.41
C ASP A 211 0.00 -11.55 24.57
N ASN A 212 1.18 -12.11 24.41
CA ASN A 212 2.39 -11.32 24.53
C ASN A 212 2.40 -10.25 23.44
N LYS A 213 2.01 -10.63 22.23
CA LYS A 213 1.99 -9.66 21.13
C LYS A 213 1.03 -8.52 21.45
N VAL A 214 -0.15 -8.85 21.99
CA VAL A 214 -1.14 -7.81 22.33
C VAL A 214 -0.56 -6.87 23.38
N ASP A 215 0.12 -7.47 24.36
CA ASP A 215 0.75 -6.71 25.44
C ASP A 215 1.82 -5.76 24.91
N VAL A 216 2.63 -6.25 23.95
CA VAL A 216 3.68 -5.42 23.37
C VAL A 216 3.07 -4.22 22.66
N VAL A 217 1.98 -4.45 21.91
CA VAL A 217 1.33 -3.34 21.21
C VAL A 217 0.84 -2.30 22.21
N ARG A 218 0.19 -2.72 23.29
CA ARG A 218 -0.29 -1.74 24.29
C ARG A 218 0.83 -0.94 24.93
N ARG A 219 1.93 -1.62 25.25
CA ARG A 219 3.07 -0.93 25.85
C ARG A 219 3.62 0.13 24.89
N ALA A 220 3.69 -0.23 23.62
CA ALA A 220 4.21 0.69 22.61
C ALA A 220 3.38 1.96 22.58
N ILE A 221 2.08 1.81 22.64
CA ILE A 221 1.21 2.96 22.60
C ILE A 221 1.31 3.78 23.90
N ALA A 222 1.22 3.11 25.04
CA ALA A 222 1.30 3.80 26.34
C ALA A 222 2.60 4.58 26.46
N ILE A 223 3.71 3.94 26.11
CA ILE A 223 5.01 4.59 26.25
C ILE A 223 5.27 5.74 25.29
N ASN A 224 4.84 5.59 24.04
CA ASN A 224 5.08 6.65 23.07
C ASN A 224 4.00 7.71 22.99
N GLN A 225 2.78 7.38 23.38
CA GLN A 225 1.71 8.35 23.32
C GLN A 225 1.62 9.04 21.97
N PRO A 226 1.46 8.26 20.90
CA PRO A 226 1.37 8.85 19.56
C PRO A 226 0.06 9.65 19.40
N ASN A 227 0.13 10.76 18.68
CA ASN A 227 -1.02 11.63 18.44
C ASN A 227 -1.73 11.17 17.16
N PRO A 228 -2.94 10.59 17.31
CA PRO A 228 -3.79 10.07 16.22
C PRO A 228 -4.08 11.07 15.11
N ARG A 229 -4.06 12.35 15.44
CA ARG A 229 -4.36 13.34 14.43
C ARG A 229 -3.12 13.79 13.65
N ASP A 230 -1.97 13.18 13.95
CA ASP A 230 -0.72 13.53 13.27
C ASP A 230 -0.08 12.22 12.73
N GLY A 231 -0.41 11.87 11.49
CA GLY A 231 0.12 10.65 10.88
C GLY A 231 1.63 10.47 10.93
N ILE A 232 2.38 11.56 10.84
CA ILE A 232 3.83 11.45 10.90
C ILE A 232 4.24 11.11 12.33
N ASP A 233 3.54 11.69 13.32
CA ASP A 233 3.87 11.38 14.72
C ASP A 233 3.67 9.90 14.97
N VAL A 234 2.55 9.37 14.47
CA VAL A 234 2.26 7.97 14.65
C VAL A 234 3.28 7.10 13.96
N LEU A 235 3.57 7.38 12.69
CA LEU A 235 4.55 6.58 11.95
C LEU A 235 5.92 6.59 12.65
N SER A 236 6.38 7.75 13.08
CA SER A 236 7.71 7.80 13.68
C SER A 236 7.78 7.11 15.03
N LYS A 237 6.67 7.13 15.76
CA LYS A 237 6.67 6.53 17.09
C LYS A 237 6.41 5.04 17.19
N VAL A 238 5.35 4.57 16.55
CA VAL A 238 5.00 3.17 16.63
C VAL A 238 4.98 2.47 15.28
N GLY A 239 5.57 3.10 14.28
CA GLY A 239 5.63 2.49 12.95
C GLY A 239 7.00 1.84 12.72
N GLY A 240 7.51 1.94 11.49
CA GLY A 240 8.81 1.38 11.11
C GLY A 240 9.20 1.97 9.76
N PHE A 241 10.45 1.73 9.31
CA PHE A 241 10.95 2.27 8.04
C PHE A 241 10.17 1.76 6.84
N ASP A 242 9.85 0.46 6.83
CA ASP A 242 9.09 -0.13 5.73
C ASP A 242 7.72 0.55 5.65
N LEU A 243 7.07 0.70 6.81
CA LEU A 243 5.74 1.35 6.85
C LEU A 243 5.80 2.81 6.36
N VAL A 244 6.83 3.53 6.80
CA VAL A 244 6.98 4.91 6.35
C VAL A 244 7.18 4.89 4.85
N GLY A 245 8.04 4.00 4.37
CA GLY A 245 8.28 3.93 2.92
C GLY A 245 7.00 3.72 2.10
N MET A 246 6.14 2.81 2.53
CA MET A 246 4.88 2.53 1.82
C MET A 246 3.99 3.78 1.76
N THR A 247 3.96 4.50 2.88
CA THR A 247 3.22 5.75 2.96
C THR A 247 3.82 6.71 1.92
N GLY A 248 5.14 6.70 1.82
CA GLY A 248 5.81 7.54 0.84
C GLY A 248 5.43 7.20 -0.60
N VAL A 249 5.26 5.92 -0.92
CA VAL A 249 4.90 5.56 -2.28
C VAL A 249 3.53 6.17 -2.60
N MET A 250 2.62 6.06 -1.63
CA MET A 250 1.27 6.57 -1.77
C MET A 250 1.24 8.08 -1.94
N LEU A 251 2.07 8.79 -1.18
CA LEU A 251 2.09 10.25 -1.32
C LEU A 251 2.70 10.63 -2.68
N GLY A 252 3.73 9.88 -3.09
CA GLY A 252 4.36 10.15 -4.37
C GLY A 252 3.46 9.90 -5.57
N ALA A 253 2.75 8.77 -5.58
CA ALA A 253 1.86 8.47 -6.69
C ALA A 253 0.75 9.52 -6.77
N ALA A 254 0.20 9.89 -5.62
CA ALA A 254 -0.87 10.88 -5.58
C ALA A 254 -0.37 12.22 -6.11
N ARG A 255 0.83 12.63 -5.69
CA ARG A 255 1.39 13.90 -6.16
C ARG A 255 1.55 13.86 -7.69
N CYS A 256 1.88 12.67 -8.19
CA CYS A 256 2.07 12.39 -9.61
C CYS A 256 0.74 12.21 -10.32
N GLY A 257 -0.34 12.23 -9.53
CA GLY A 257 -1.68 12.02 -10.09
C GLY A 257 -1.90 10.62 -10.65
N LEU A 258 -1.22 9.63 -10.06
CA LEU A 258 -1.33 8.25 -10.54
C LEU A 258 -1.88 7.27 -9.51
N PRO A 259 -2.47 6.15 -9.97
CA PRO A 259 -3.03 5.14 -9.08
C PRO A 259 -2.01 4.25 -8.40
N VAL A 260 -2.36 3.82 -7.20
CA VAL A 260 -1.56 2.93 -6.40
C VAL A 260 -2.44 1.80 -5.89
N LEU A 261 -2.00 0.57 -6.09
CA LEU A 261 -2.74 -0.58 -5.61
C LEU A 261 -2.24 -0.96 -4.21
N LEU A 262 -3.14 -1.02 -3.22
CA LEU A 262 -2.72 -1.46 -1.89
C LEU A 262 -2.50 -2.97 -1.93
N ASP A 263 -1.87 -3.51 -0.89
CA ASP A 263 -1.63 -4.94 -0.80
C ASP A 263 -2.48 -5.45 0.37
N GLY A 264 -1.84 -5.90 1.44
CA GLY A 264 -2.58 -6.40 2.59
C GLY A 264 -2.55 -5.55 3.86
N PHE A 265 -2.60 -6.21 5.01
CA PHE A 265 -2.64 -5.52 6.32
C PHE A 265 -1.60 -4.42 6.56
N LEU A 266 -0.33 -4.69 6.22
CA LEU A 266 0.72 -3.68 6.44
C LEU A 266 0.40 -2.44 5.60
N SER A 267 -0.04 -2.67 4.37
CA SER A 267 -0.39 -1.57 3.49
C SER A 267 -1.59 -0.78 4.01
N TYR A 268 -2.56 -1.45 4.62
CA TYR A 268 -3.73 -0.73 5.16
C TYR A 268 -3.25 0.25 6.23
N SER A 269 -2.29 -0.19 7.07
CA SER A 269 -1.78 0.69 8.14
C SER A 269 -1.14 1.92 7.54
N ALA A 270 -0.34 1.70 6.49
CA ALA A 270 0.33 2.81 5.81
C ALA A 270 -0.65 3.75 5.14
N ALA A 271 -1.73 3.20 4.59
CA ALA A 271 -2.73 4.03 3.93
C ALA A 271 -3.51 4.86 4.98
N LEU A 272 -3.79 4.29 6.15
CA LEU A 272 -4.47 5.09 7.18
C LEU A 272 -3.56 6.31 7.50
N ALA A 273 -2.26 6.08 7.64
CA ALA A 273 -1.31 7.17 7.90
C ALA A 273 -1.31 8.19 6.76
N ALA A 274 -1.18 7.70 5.53
CA ALA A 274 -1.18 8.60 4.37
C ALA A 274 -2.44 9.50 4.29
N CYS A 275 -3.60 8.90 4.48
CA CYS A 275 -4.84 9.68 4.42
C CYS A 275 -4.98 10.64 5.59
N GLN A 276 -4.35 10.31 6.71
CA GLN A 276 -4.38 11.21 7.87
C GLN A 276 -3.52 12.45 7.55
N ILE A 277 -2.37 12.19 6.95
CA ILE A 277 -1.43 13.22 6.58
C ILE A 277 -1.95 14.09 5.45
N ALA A 278 -2.62 13.47 4.47
CA ALA A 278 -3.14 14.21 3.32
C ALA A 278 -4.35 13.49 2.78
N PRO A 279 -5.57 13.96 3.15
CA PRO A 279 -6.83 13.36 2.70
C PRO A 279 -6.93 13.30 1.19
N ALA A 280 -6.22 14.21 0.53
CA ALA A 280 -6.21 14.29 -0.92
C ALA A 280 -5.62 13.02 -1.55
N VAL A 281 -4.93 12.21 -0.75
CA VAL A 281 -4.35 10.98 -1.30
C VAL A 281 -5.39 9.88 -1.59
N ARG A 282 -6.48 9.89 -0.82
CA ARG A 282 -7.52 8.86 -0.92
C ARG A 282 -8.03 8.44 -2.30
N PRO A 283 -8.36 9.41 -3.17
CA PRO A 283 -8.88 9.16 -4.52
C PRO A 283 -7.96 8.33 -5.42
N TYR A 284 -6.67 8.29 -5.06
CA TYR A 284 -5.67 7.56 -5.86
C TYR A 284 -5.43 6.11 -5.41
N LEU A 285 -5.97 5.77 -4.24
CA LEU A 285 -5.77 4.42 -3.68
C LEU A 285 -6.78 3.42 -4.24
N ILE A 286 -6.31 2.23 -4.57
CA ILE A 286 -7.15 1.18 -5.10
C ILE A 286 -6.86 -0.08 -4.27
N PRO A 287 -7.90 -0.68 -3.69
CA PRO A 287 -7.70 -1.89 -2.88
C PRO A 287 -7.43 -3.08 -3.80
N SER A 288 -6.80 -4.14 -3.28
CA SER A 288 -6.60 -5.33 -4.10
C SER A 288 -7.36 -6.47 -3.44
N HIS A 289 -6.78 -7.04 -2.37
CA HIS A 289 -7.42 -8.16 -1.71
C HIS A 289 -7.75 -7.89 -0.25
N PHE A 290 -8.47 -8.84 0.35
CA PHE A 290 -8.90 -8.77 1.74
C PHE A 290 -7.96 -9.67 2.55
N SER A 291 -6.99 -9.06 3.24
CA SER A 291 -6.01 -9.80 4.05
C SER A 291 -6.65 -10.73 5.10
N ALA A 292 -6.05 -11.90 5.33
CA ALA A 292 -6.56 -12.84 6.35
C ALA A 292 -6.11 -12.40 7.76
N GLU A 293 -5.39 -11.29 7.87
CA GLU A 293 -4.95 -10.84 9.18
C GLU A 293 -6.20 -10.37 9.95
N LYS A 294 -6.24 -10.64 11.26
CA LYS A 294 -7.39 -10.27 12.10
C LYS A 294 -7.90 -8.81 12.03
N GLY A 295 -7.01 -7.84 12.05
CA GLY A 295 -7.43 -6.46 12.01
C GLY A 295 -7.78 -5.89 10.65
N ALA A 296 -7.80 -6.72 9.60
CA ALA A 296 -8.10 -6.22 8.27
C ALA A 296 -9.46 -5.54 8.13
N ARG A 297 -10.51 -6.20 8.64
CA ARG A 297 -11.85 -5.64 8.53
C ARG A 297 -11.97 -4.22 9.08
N ILE A 298 -11.42 -4.00 10.28
CA ILE A 298 -11.46 -2.70 10.97
C ILE A 298 -10.67 -1.68 10.16
N ALA A 299 -9.47 -2.06 9.76
CA ALA A 299 -8.66 -1.12 8.99
C ALA A 299 -9.36 -0.71 7.67
N LEU A 300 -9.94 -1.68 6.96
CA LEU A 300 -10.62 -1.39 5.68
C LEU A 300 -11.87 -0.54 5.88
N ALA A 301 -12.56 -0.76 7.00
CA ALA A 301 -13.77 -0.03 7.32
C ALA A 301 -13.41 1.44 7.54
N HIS A 302 -12.27 1.69 8.15
CA HIS A 302 -11.91 3.07 8.39
C HIS A 302 -11.45 3.76 7.13
N LEU A 303 -10.98 3.00 6.15
CA LEU A 303 -10.55 3.56 4.85
C LEU A 303 -11.71 3.56 3.86
N SER A 304 -12.85 3.01 4.29
CA SER A 304 -14.04 2.89 3.45
C SER A 304 -13.71 2.18 2.16
N MET A 305 -13.01 1.05 2.27
CA MET A 305 -12.62 0.30 1.09
C MET A 305 -13.14 -1.12 1.13
N GLU A 306 -13.52 -1.61 -0.04
CA GLU A 306 -14.03 -2.95 -0.18
C GLU A 306 -13.14 -3.62 -1.24
N PRO A 307 -12.21 -4.49 -0.80
CA PRO A 307 -11.31 -5.19 -1.72
C PRO A 307 -12.05 -6.01 -2.78
N TYR A 308 -11.41 -6.19 -3.93
CA TYR A 308 -11.99 -6.97 -5.03
C TYR A 308 -11.79 -8.49 -4.86
N LEU A 309 -10.63 -8.85 -4.34
CA LEU A 309 -10.23 -10.24 -4.19
C LEU A 309 -10.30 -10.77 -2.78
N HIS A 310 -10.94 -11.93 -2.61
CA HIS A 310 -11.02 -12.60 -1.31
C HIS A 310 -10.22 -13.90 -1.47
N MET A 311 -8.93 -13.85 -1.18
CA MET A 311 -8.04 -15.00 -1.35
C MET A 311 -7.44 -15.55 -0.06
N ALA A 312 -7.86 -15.03 1.09
CA ALA A 312 -7.31 -15.41 2.41
C ALA A 312 -5.78 -15.30 2.39
N MET A 313 -5.26 -14.34 1.63
CA MET A 313 -3.82 -14.19 1.53
C MET A 313 -3.24 -13.39 2.68
N ARG A 314 -2.02 -13.73 3.06
CA ARG A 314 -1.34 -13.03 4.16
C ARG A 314 0.18 -13.15 4.02
N LEU A 315 0.66 -13.12 2.79
CA LEU A 315 2.08 -13.21 2.54
C LEU A 315 2.76 -11.85 2.62
N GLY A 316 2.11 -10.84 2.05
CA GLY A 316 2.71 -9.53 1.99
C GLY A 316 3.57 -9.44 0.72
N GLU A 317 4.61 -8.61 0.76
CA GLU A 317 5.54 -8.42 -0.37
C GLU A 317 4.95 -7.67 -1.56
N GLY A 318 3.65 -7.34 -1.50
CA GLY A 318 3.03 -6.68 -2.62
C GLY A 318 2.39 -7.76 -3.52
N SER A 319 2.36 -9.00 -3.04
CA SER A 319 1.79 -10.10 -3.82
C SER A 319 0.33 -9.90 -4.22
N GLY A 320 -0.47 -9.34 -3.32
CA GLY A 320 -1.88 -9.09 -3.60
C GLY A 320 -2.03 -7.97 -4.62
N ALA A 321 -1.18 -6.95 -4.50
CA ALA A 321 -1.20 -5.83 -5.43
C ALA A 321 -0.97 -6.33 -6.87
N ALA A 322 0.02 -7.19 -7.03
CA ALA A 322 0.35 -7.75 -8.35
C ALA A 322 -0.81 -8.58 -8.90
N LEU A 323 -1.47 -9.30 -8.03
CA LEU A 323 -2.56 -10.17 -8.44
C LEU A 323 -3.75 -9.37 -8.95
N ALA A 324 -3.90 -8.14 -8.47
CA ALA A 324 -5.03 -7.33 -8.90
C ALA A 324 -4.75 -6.48 -10.13
N MET A 325 -3.50 -6.41 -10.55
CA MET A 325 -3.19 -5.58 -11.71
C MET A 325 -4.03 -5.92 -12.96
N PRO A 326 -4.29 -7.21 -13.22
CA PRO A 326 -5.08 -7.60 -14.40
C PRO A 326 -6.49 -6.99 -14.31
N ILE A 327 -6.96 -6.82 -13.08
CA ILE A 327 -8.27 -6.25 -12.90
C ILE A 327 -8.29 -4.81 -13.37
N VAL A 328 -7.23 -4.06 -13.04
CA VAL A 328 -7.17 -2.67 -13.49
C VAL A 328 -7.06 -2.66 -15.02
N GLU A 329 -6.30 -3.59 -15.58
CA GLU A 329 -6.19 -3.65 -17.03
C GLU A 329 -7.55 -4.01 -17.65
N ALA A 330 -8.35 -4.80 -16.94
CA ALA A 330 -9.65 -5.17 -17.45
C ALA A 330 -10.57 -3.95 -17.58
N ALA A 331 -10.50 -3.03 -16.62
CA ALA A 331 -11.33 -1.84 -16.68
C ALA A 331 -10.96 -1.03 -17.93
N CYS A 332 -9.67 -0.97 -18.25
CA CYS A 332 -9.21 -0.24 -19.43
C CYS A 332 -9.68 -0.90 -20.71
N ALA A 333 -9.54 -2.22 -20.75
CA ALA A 333 -9.95 -3.02 -21.90
C ALA A 333 -11.45 -2.81 -22.15
N MET A 334 -12.23 -2.90 -21.08
CA MET A 334 -13.66 -2.73 -21.18
C MET A 334 -13.98 -1.38 -21.81
N PHE A 335 -13.39 -0.33 -21.24
CA PHE A 335 -13.59 1.04 -21.65
C PHE A 335 -13.22 1.31 -23.10
N HIS A 336 -12.08 0.79 -23.52
CA HIS A 336 -11.60 1.07 -24.87
C HIS A 336 -12.01 0.12 -25.97
N ASN A 337 -12.24 -1.14 -25.63
CA ASN A 337 -12.53 -2.15 -26.63
C ASN A 337 -13.97 -2.58 -26.86
N MET A 338 -14.86 -2.37 -25.91
CA MET A 338 -16.25 -2.78 -26.13
C MET A 338 -16.97 -1.96 -27.19
N GLY A 339 -17.93 -2.57 -27.87
CA GLY A 339 -18.71 -1.87 -28.89
C GLY A 339 -19.79 -1.03 -28.21
N GLU A 340 -20.59 -0.31 -29.00
CA GLU A 340 -21.63 0.53 -28.42
C GLU A 340 -23.02 0.14 -28.82
N LEU A 341 -23.93 0.29 -27.88
CA LEU A 341 -25.34 -0.05 -28.06
C LEU A 341 -25.96 0.59 -29.31
N ALA A 342 -25.69 1.87 -29.48
CA ALA A 342 -26.24 2.62 -30.60
C ALA A 342 -25.83 2.05 -31.95
N ALA A 343 -24.59 1.58 -32.03
CA ALA A 343 -24.06 1.01 -33.26
C ALA A 343 -24.73 -0.30 -33.62
N SER A 344 -25.38 -0.92 -32.63
CA SER A 344 -26.07 -2.19 -32.89
C SER A 344 -27.57 -1.97 -32.93
N ASN A 345 -27.99 -0.71 -32.86
CA ASN A 345 -29.41 -0.40 -32.88
C ASN A 345 -30.15 -1.05 -31.70
N ILE A 346 -29.57 -0.97 -30.50
CA ILE A 346 -30.24 -1.54 -29.34
C ILE A 346 -30.64 -0.40 -28.41
N VAL A 347 -31.89 -0.40 -28.00
CA VAL A 347 -32.39 0.63 -27.10
C VAL A 347 -32.93 -0.06 -25.86
N LEU A 348 -32.39 0.30 -24.69
CA LEU A 348 -32.83 -0.28 -23.42
C LEU A 348 -33.36 0.85 -22.53
N PRO A 349 -34.43 0.59 -21.77
CA PRO A 349 -35.02 1.61 -20.87
C PRO A 349 -34.06 2.10 -19.80
P PO4 B . 5.25 -11.17 11.39
O1 PO4 B . 4.67 -11.14 10.01
O2 PO4 B . 6.73 -11.33 11.22
O3 PO4 B . 4.67 -12.35 12.08
O4 PO4 B . 4.95 -9.87 12.10
N 2AF C . 8.97 -14.92 2.33
O 2AF C . 7.38 -12.58 3.11
C1 2AF C . 8.68 -14.67 3.72
C2 2AF C . 7.90 -13.51 4.10
C3 2AF C . 7.65 -13.30 5.52
C4 2AF C . 8.17 -14.23 6.47
C5 2AF C . 8.93 -15.34 6.01
C6 2AF C . 9.17 -15.54 4.66
N NIO D . 2.61 -10.85 6.52
C1 NIO D . 1.90 -10.06 5.63
C2 NIO D . 0.49 -9.92 5.84
C3 NIO D . -0.17 -10.61 6.98
C4 NIO D . 0.69 -11.39 7.80
C5 NIO D . 2.07 -11.56 7.64
C6 NIO D . -0.34 -9.04 4.89
O1 NIO D . -1.58 -8.92 5.08
O2 NIO D . 0.20 -8.43 3.91
#